data_7Y8S
#
_entry.id   7Y8S
#
_cell.length_a   171.649
_cell.length_b   171.649
_cell.length_c   114.933
_cell.angle_alpha   90.00
_cell.angle_beta   90.00
_cell.angle_gamma   120.00
#
_symmetry.space_group_name_H-M   'P 64 2 2'
#
loop_
_entity.id
_entity.type
_entity.pdbx_description
1 polymer Dscam
2 non-polymer 'SODIUM ION'
3 water water
#
_entity_poly.entity_id   1
_entity_poly.type   'polypeptide(L)'
_entity_poly.pdbx_seq_one_letter_code
;GASAQPLDVKIQEIWSRSANITWTAPYSGNSPITKYFVQYWKDKAGSQMLQEEEVTAAHSSVVINNLHPGTSYALTVIAE
NEIGHGEPSETVRFITGEEEPSGPPTDLWVESRGPFTILVRWKAPPKEYWHGKLKGYYVGYKMEGSPQPYSFKTVEAMNV
NITHEYLLNSLKKSTKYSIVVKAYNAAGTGPASQELIVKTLDGVLPRPPSVSLLSASDSTISVKWGHTISRDEPVTGYTL
HYRKKVGHWLHVPLLASDQTRYTLTGLDSDTTYNVYVTANNRYGRGDPSGILSVRTGD
;
_entity_poly.pdbx_strand_id   A,B
#
loop_
_chem_comp.id
_chem_comp.type
_chem_comp.name
_chem_comp.formula
NA non-polymer 'SODIUM ION' 'Na 1'
#
# COMPACT_ATOMS: atom_id res chain seq x y z
N PRO A 6 -10.01 -24.38 32.93
CA PRO A 6 -8.75 -23.65 33.04
C PRO A 6 -8.92 -22.29 33.70
N LEU A 7 -8.61 -22.22 34.98
CA LEU A 7 -8.77 -20.98 35.74
C LEU A 7 -7.55 -20.08 35.56
N ASP A 8 -7.80 -18.78 35.64
CA ASP A 8 -6.75 -17.75 35.67
C ASP A 8 -5.74 -17.94 34.53
N VAL A 9 -6.24 -17.84 33.30
CA VAL A 9 -5.35 -17.90 32.15
C VAL A 9 -4.57 -16.59 32.06
N LYS A 10 -3.26 -16.70 31.80
CA LYS A 10 -2.40 -15.53 31.81
C LYS A 10 -1.43 -15.56 30.64
N ILE A 11 -1.27 -14.41 29.98
CA ILE A 11 -0.20 -14.22 29.00
C ILE A 11 1.03 -13.80 29.78
N GLN A 12 1.88 -14.78 30.10
CA GLN A 12 2.97 -14.48 31.03
C GLN A 12 4.04 -13.61 30.37
N GLU A 13 4.38 -13.87 29.11
CA GLU A 13 5.22 -12.90 28.41
C GLU A 13 5.00 -13.00 26.90
N ILE A 14 5.35 -11.91 26.23
CA ILE A 14 5.00 -11.70 24.83
C ILE A 14 6.26 -11.33 24.05
N TRP A 15 6.42 -11.92 22.87
CA TRP A 15 7.40 -11.50 21.91
C TRP A 15 6.67 -10.96 20.68
N SER A 16 7.42 -10.60 19.65
CA SER A 16 6.79 -10.06 18.45
C SER A 16 6.14 -11.13 17.60
N ARG A 17 6.58 -12.39 17.71
CA ARG A 17 5.96 -13.50 17.00
C ARG A 17 5.63 -14.67 17.92
N SER A 18 5.78 -14.51 19.23
CA SER A 18 5.62 -15.59 20.19
C SER A 18 4.85 -15.10 21.40
N ALA A 19 4.27 -16.04 22.14
CA ALA A 19 3.60 -15.74 23.41
C ALA A 19 3.57 -17.00 24.26
N ASN A 20 3.95 -16.87 25.52
CA ASN A 20 3.87 -17.96 26.48
C ASN A 20 2.56 -17.84 27.27
N ILE A 21 1.74 -18.89 27.23
CA ILE A 21 0.44 -18.90 27.89
C ILE A 21 0.55 -19.70 29.17
N THR A 22 -0.26 -19.33 30.17
CA THR A 22 -0.15 -19.86 31.51
C THR A 22 -1.53 -20.01 32.12
N TRP A 23 -1.70 -21.06 32.92
CA TRP A 23 -2.98 -21.30 33.58
C TRP A 23 -2.80 -22.27 34.74
N THR A 24 -3.88 -22.45 35.50
CA THR A 24 -4.05 -23.58 36.40
C THR A 24 -5.39 -24.23 36.08
N ALA A 25 -5.56 -25.48 36.52
CA ALA A 25 -6.82 -26.16 36.23
C ALA A 25 -7.11 -27.26 37.25
N PRO A 26 -8.29 -27.22 37.90
CA PRO A 26 -8.73 -28.26 38.84
C PRO A 26 -9.27 -29.50 38.13
N ILE A 33 -8.53 -34.44 33.65
CA ILE A 33 -8.76 -33.73 32.40
C ILE A 33 -8.01 -34.42 31.26
N THR A 34 -8.66 -34.50 30.09
CA THR A 34 -8.13 -35.20 28.93
C THR A 34 -6.85 -34.56 28.40
N LYS A 35 -7.00 -33.35 27.88
CA LYS A 35 -5.95 -32.58 27.26
C LYS A 35 -6.30 -31.12 27.49
N TYR A 36 -5.42 -30.22 27.05
CA TYR A 36 -5.78 -28.82 26.99
C TYR A 36 -5.78 -28.37 25.53
N PHE A 37 -6.79 -27.57 25.19
CA PHE A 37 -7.05 -27.14 23.83
C PHE A 37 -6.90 -25.63 23.78
N VAL A 38 -6.05 -25.13 22.89
CA VAL A 38 -5.68 -23.72 22.85
C VAL A 38 -6.13 -23.14 21.51
N GLN A 39 -7.19 -22.34 21.54
CA GLN A 39 -7.67 -21.63 20.36
C GLN A 39 -7.19 -20.19 20.40
N TYR A 40 -6.83 -19.65 19.24
CA TYR A 40 -6.45 -18.24 19.15
C TYR A 40 -6.70 -17.74 17.74
N TRP A 41 -7.02 -16.44 17.66
CA TRP A 41 -7.37 -15.81 16.39
C TRP A 41 -7.07 -14.32 16.46
N LYS A 42 -6.94 -13.71 15.28
CA LYS A 42 -6.74 -12.27 15.20
C LYS A 42 -8.01 -11.55 15.63
N ASP A 43 -7.84 -10.46 16.38
CA ASP A 43 -8.95 -9.71 16.95
C ASP A 43 -9.43 -8.59 16.02
N LYS A 44 -9.28 -8.76 14.70
CA LYS A 44 -9.83 -7.82 13.74
C LYS A 44 -11.32 -8.10 13.49
N ALA A 45 -11.95 -7.15 12.81
CA ALA A 45 -13.30 -7.35 12.32
C ALA A 45 -13.28 -8.25 11.08
N GLY A 46 -14.43 -8.83 10.80
CA GLY A 46 -14.55 -9.78 9.70
C GLY A 46 -14.11 -11.17 10.09
N SER A 47 -14.41 -12.12 9.21
CA SER A 47 -14.11 -13.51 9.48
C SER A 47 -12.59 -13.73 9.54
N GLN A 48 -12.16 -14.49 10.54
CA GLN A 48 -10.75 -14.80 10.74
C GLN A 48 -10.57 -16.32 10.83
N MET A 49 -9.31 -16.75 10.83
CA MET A 49 -8.98 -18.16 10.96
C MET A 49 -8.89 -18.51 12.43
N LEU A 50 -9.52 -19.62 12.82
CA LEU A 50 -9.47 -20.12 14.19
C LEU A 50 -8.31 -21.11 14.28
N GLN A 51 -7.17 -20.66 14.82
CA GLN A 51 -6.00 -21.51 14.97
C GLN A 51 -6.10 -22.29 16.28
N GLU A 52 -5.67 -23.55 16.25
CA GLU A 52 -5.78 -24.41 17.41
C GLU A 52 -4.53 -25.28 17.56
N GLU A 53 -4.21 -25.60 18.82
CA GLU A 53 -3.10 -26.46 19.19
C GLU A 53 -3.51 -27.24 20.43
N GLU A 54 -3.03 -28.48 20.55
CA GLU A 54 -3.31 -29.27 21.73
C GLU A 54 -2.03 -29.48 22.53
N VAL A 55 -2.20 -29.67 23.85
CA VAL A 55 -1.09 -29.87 24.76
C VAL A 55 -1.49 -30.94 25.77
N THR A 56 -0.48 -31.53 26.41
CA THR A 56 -0.73 -32.62 27.35
C THR A 56 -1.45 -32.10 28.61
N ALA A 57 -2.01 -33.05 29.35
CA ALA A 57 -2.57 -32.76 30.66
C ALA A 57 -1.49 -32.48 31.69
N ALA A 58 -0.24 -32.87 31.41
CA ALA A 58 0.88 -32.65 32.31
C ALA A 58 1.48 -31.25 32.18
N HIS A 59 1.07 -30.47 31.19
CA HIS A 59 1.60 -29.12 30.98
C HIS A 59 0.58 -28.10 31.45
N SER A 60 1.06 -27.09 32.19
CA SER A 60 0.24 -25.97 32.61
C SER A 60 0.55 -24.72 31.81
N SER A 61 1.26 -24.86 30.69
CA SER A 61 1.71 -23.71 29.91
C SER A 61 2.10 -24.18 28.52
N VAL A 62 2.09 -23.23 27.58
CA VAL A 62 2.47 -23.50 26.20
C VAL A 62 2.94 -22.21 25.57
N VAL A 63 3.84 -22.32 24.59
CA VAL A 63 4.34 -21.18 23.84
C VAL A 63 3.79 -21.30 22.42
N ILE A 64 3.02 -20.29 22.02
CA ILE A 64 2.49 -20.19 20.67
C ILE A 64 3.51 -19.47 19.80
N ASN A 65 3.71 -19.96 18.58
CA ASN A 65 4.72 -19.43 17.68
C ASN A 65 4.11 -18.97 16.37
N ASN A 66 4.92 -18.27 15.58
CA ASN A 66 4.55 -17.78 14.25
C ASN A 66 3.32 -16.86 14.29
N LEU A 67 3.33 -15.93 15.23
CA LEU A 67 2.33 -14.88 15.26
C LEU A 67 2.81 -13.67 14.45
N HIS A 68 1.86 -12.79 14.13
CA HIS A 68 2.30 -11.60 13.39
C HIS A 68 2.62 -10.47 14.36
N PRO A 69 3.67 -9.69 14.08
CA PRO A 69 4.04 -8.60 14.98
C PRO A 69 2.97 -7.51 15.03
N GLY A 70 2.94 -6.81 16.17
CA GLY A 70 2.07 -5.66 16.34
C GLY A 70 0.60 -5.95 16.09
N THR A 71 0.20 -7.19 16.34
CA THR A 71 -1.13 -7.67 16.02
C THR A 71 -1.87 -8.07 17.29
N SER A 72 -3.15 -7.70 17.35
CA SER A 72 -3.98 -8.00 18.50
C SER A 72 -4.59 -9.39 18.34
N TYR A 73 -4.53 -10.20 19.38
CA TYR A 73 -5.03 -11.57 19.34
C TYR A 73 -5.97 -11.85 20.51
N ALA A 74 -6.95 -12.73 20.26
CA ALA A 74 -7.77 -13.31 21.30
C ALA A 74 -7.42 -14.79 21.43
N LEU A 75 -7.58 -15.34 22.63
CA LEU A 75 -7.08 -16.69 22.89
C LEU A 75 -7.94 -17.38 23.94
N THR A 76 -8.15 -18.68 23.76
CA THR A 76 -8.96 -19.49 24.66
C THR A 76 -8.23 -20.79 24.96
N VAL A 77 -8.30 -21.22 26.22
CA VAL A 77 -7.78 -22.52 26.65
C VAL A 77 -8.93 -23.35 27.17
N ILE A 78 -9.05 -24.59 26.69
CA ILE A 78 -10.13 -25.48 27.07
C ILE A 78 -9.53 -26.76 27.65
N ALA A 79 -10.07 -27.20 28.78
CA ALA A 79 -9.69 -28.48 29.37
C ALA A 79 -10.66 -29.58 28.97
N SER A 89 -13.91 -21.90 27.55
CA SER A 89 -13.66 -22.11 28.98
C SER A 89 -13.16 -20.83 29.66
N GLU A 90 -12.18 -20.17 29.02
CA GLU A 90 -11.69 -18.88 29.48
C GLU A 90 -10.91 -18.21 28.36
N THR A 91 -11.22 -16.94 28.09
CA THR A 91 -10.71 -16.22 26.92
C THR A 91 -10.02 -14.94 27.35
N VAL A 92 -8.81 -14.71 26.82
CA VAL A 92 -8.01 -13.53 27.12
C VAL A 92 -7.63 -12.86 25.81
N ARG A 93 -7.15 -11.62 25.91
CA ARG A 93 -6.75 -10.83 24.75
C ARG A 93 -5.37 -10.23 24.97
N PHE A 94 -4.59 -10.12 23.90
CA PHE A 94 -3.26 -9.56 23.99
C PHE A 94 -2.83 -9.03 22.62
N ILE A 95 -1.72 -8.31 22.61
CA ILE A 95 -1.16 -7.73 21.39
C ILE A 95 0.32 -8.10 21.32
N THR A 96 0.75 -8.67 20.20
CA THR A 96 2.11 -9.16 20.11
C THR A 96 3.10 -8.00 20.10
N GLY A 97 4.36 -8.34 20.39
CA GLY A 97 5.40 -7.34 20.40
C GLY A 97 5.59 -6.68 19.04
N GLU A 98 6.29 -5.56 19.07
CA GLU A 98 6.44 -4.72 17.90
C GLU A 98 7.68 -5.10 17.09
N GLU A 99 7.61 -4.81 15.79
CA GLU A 99 8.78 -4.85 14.92
C GLU A 99 8.82 -3.58 14.10
N GLU A 100 9.99 -3.27 13.57
CA GLU A 100 10.16 -2.04 12.80
C GLU A 100 9.33 -2.10 11.52
N PRO A 101 8.78 -0.97 11.08
CA PRO A 101 8.07 -0.94 9.80
C PRO A 101 8.97 -1.41 8.68
N SER A 102 8.39 -2.12 7.72
CA SER A 102 9.14 -2.75 6.64
C SER A 102 8.94 -2.09 5.30
N GLY A 103 8.14 -1.01 5.23
CA GLY A 103 7.98 -0.27 4.01
C GLY A 103 8.17 1.23 4.24
N PRO A 104 8.59 1.95 3.21
CA PRO A 104 8.76 3.41 3.34
C PRO A 104 7.43 4.13 3.13
N PRO A 105 7.36 5.42 3.45
CA PRO A 105 6.19 6.21 3.05
C PRO A 105 6.10 6.31 1.53
N THR A 106 4.87 6.49 1.05
CA THR A 106 4.59 6.52 -0.38
C THR A 106 4.08 7.89 -0.80
N ASP A 107 4.02 8.08 -2.13
CA ASP A 107 3.48 9.29 -2.74
C ASP A 107 4.16 10.53 -2.19
N LEU A 108 5.49 10.53 -2.28
CA LEU A 108 6.29 11.66 -1.82
C LEU A 108 6.09 12.85 -2.74
N TRP A 109 5.95 14.03 -2.15
CA TRP A 109 5.61 15.24 -2.88
C TRP A 109 6.25 16.43 -2.17
N VAL A 110 7.17 17.11 -2.84
CA VAL A 110 7.80 18.31 -2.27
C VAL A 110 7.78 19.40 -3.33
N GLU A 111 7.33 20.58 -2.95
CA GLU A 111 7.51 21.78 -3.76
C GLU A 111 8.26 22.81 -2.94
N SER A 112 9.24 23.44 -3.58
CA SER A 112 9.92 24.57 -2.98
C SER A 112 8.93 25.72 -2.87
N ARG A 113 8.38 25.95 -1.69
CA ARG A 113 7.37 26.99 -1.59
C ARG A 113 8.00 28.37 -1.51
N GLY A 114 9.24 28.46 -0.99
CA GLY A 114 9.94 29.72 -0.94
C GLY A 114 11.45 29.57 -1.09
N PRO A 115 12.16 30.68 -0.91
CA PRO A 115 13.63 30.61 -0.90
C PRO A 115 14.20 30.00 0.37
N PHE A 116 13.41 29.86 1.43
CA PHE A 116 13.88 29.33 2.69
C PHE A 116 13.11 28.10 3.17
N THR A 117 12.05 27.70 2.45
CA THR A 117 11.16 26.65 2.93
C THR A 117 10.85 25.64 1.84
N ILE A 118 10.64 24.39 2.27
CA ILE A 118 10.17 23.30 1.43
C ILE A 118 9.09 22.56 2.20
N LEU A 119 7.92 22.36 1.58
CA LEU A 119 6.83 21.64 2.20
C LEU A 119 6.77 20.22 1.63
N VAL A 120 7.01 19.24 2.50
CA VAL A 120 7.02 17.83 2.15
C VAL A 120 5.66 17.23 2.49
N ARG A 121 5.15 16.38 1.60
CA ARG A 121 3.94 15.61 1.90
C ARG A 121 4.15 14.14 1.51
N TRP A 122 3.47 13.26 2.25
CA TRP A 122 3.56 11.84 1.98
C TRP A 122 2.33 11.15 2.53
N LYS A 123 2.03 9.99 1.96
CA LYS A 123 1.03 9.10 2.53
C LYS A 123 1.72 8.03 3.37
N ALA A 124 1.00 7.55 4.38
CA ALA A 124 1.57 6.57 5.28
C ALA A 124 1.82 5.26 4.52
N PRO A 125 2.79 4.47 4.97
CA PRO A 125 2.94 3.13 4.39
C PRO A 125 1.73 2.29 4.74
N PRO A 126 1.40 1.29 3.91
CA PRO A 126 0.21 0.46 4.19
C PRO A 126 0.34 -0.22 5.55
N LYS A 127 -0.78 -0.20 6.30
CA LYS A 127 -0.76 -0.65 7.70
C LYS A 127 -0.27 -2.08 7.83
N GLU A 128 -0.47 -2.89 6.80
CA GLU A 128 0.06 -4.24 6.81
C GLU A 128 1.57 -4.26 7.01
N TYR A 129 2.25 -3.14 6.78
CA TYR A 129 3.70 -3.04 6.90
C TYR A 129 4.15 -2.30 8.14
N TRP A 130 3.23 -1.85 9.00
CA TRP A 130 3.64 -1.13 10.21
C TRP A 130 4.32 -2.06 11.21
N HIS A 131 3.74 -3.25 11.44
CA HIS A 131 4.21 -4.18 12.46
C HIS A 131 4.20 -3.54 13.84
N GLY A 132 3.25 -2.63 14.06
CA GLY A 132 3.17 -1.86 15.28
C GLY A 132 2.72 -0.43 15.01
N LYS A 133 1.85 0.10 15.87
CA LYS A 133 1.27 1.42 15.64
C LYS A 133 2.35 2.47 15.52
N LEU A 134 2.27 3.28 14.45
CA LEU A 134 3.31 4.25 14.16
C LEU A 134 3.33 5.34 15.23
N LYS A 135 4.53 5.68 15.68
CA LYS A 135 4.70 6.78 16.61
C LYS A 135 4.96 8.12 15.91
N GLY A 136 5.45 8.09 14.67
CA GLY A 136 5.66 9.32 13.93
C GLY A 136 6.50 9.06 12.70
N TYR A 137 7.06 10.14 12.15
CA TYR A 137 7.94 10.04 11.00
C TYR A 137 9.19 10.88 11.22
N TYR A 138 10.25 10.49 10.52
CA TYR A 138 11.51 11.23 10.49
C TYR A 138 11.71 11.82 9.10
N VAL A 139 11.91 13.14 9.03
CA VAL A 139 12.14 13.84 7.77
C VAL A 139 13.60 14.28 7.74
N GLY A 140 14.38 13.67 6.84
CA GLY A 140 15.79 13.98 6.72
C GLY A 140 16.08 14.82 5.48
N TYR A 141 17.07 15.71 5.59
CA TYR A 141 17.40 16.62 4.51
C TYR A 141 18.87 17.01 4.58
N LYS A 142 19.44 17.34 3.42
CA LYS A 142 20.83 17.74 3.31
C LYS A 142 21.04 18.42 1.97
N MET A 143 22.10 19.21 1.89
CA MET A 143 22.52 19.78 0.62
C MET A 143 23.03 18.68 -0.31
N GLU A 144 22.60 18.73 -1.57
CA GLU A 144 22.96 17.65 -2.50
C GLU A 144 24.43 17.73 -2.90
N GLY A 145 24.91 18.94 -3.20
CA GLY A 145 26.22 19.13 -3.81
C GLY A 145 27.43 19.03 -2.90
N SER A 146 27.26 18.85 -1.59
CA SER A 146 28.43 18.68 -0.74
C SER A 146 28.23 17.46 0.14
N PRO A 147 29.30 16.66 0.39
CA PRO A 147 29.12 15.43 1.19
C PRO A 147 28.76 15.72 2.63
N GLN A 148 27.52 15.43 3.01
CA GLN A 148 26.99 15.71 4.33
C GLN A 148 26.12 14.55 4.78
N PRO A 149 25.89 14.40 6.08
CA PRO A 149 24.86 13.48 6.55
C PRO A 149 23.49 14.15 6.55
N TYR A 150 22.46 13.32 6.49
CA TYR A 150 21.10 13.80 6.63
C TYR A 150 20.87 14.31 8.04
N SER A 151 20.19 15.44 8.15
CA SER A 151 19.74 15.97 9.43
C SER A 151 18.24 15.69 9.56
N PHE A 152 17.87 14.94 10.59
CA PHE A 152 16.51 14.42 10.71
C PHE A 152 15.66 15.26 11.66
N LYS A 153 14.40 15.43 11.30
CA LYS A 153 13.42 16.13 12.13
C LYS A 153 12.25 15.19 12.43
N THR A 154 11.68 15.33 13.63
CA THR A 154 10.60 14.47 14.09
C THR A 154 9.25 15.13 13.78
N VAL A 155 8.33 14.33 13.25
CA VAL A 155 6.95 14.77 13.04
C VAL A 155 6.02 13.71 13.63
N GLU A 156 4.87 14.17 14.13
CA GLU A 156 3.92 13.27 14.75
C GLU A 156 3.26 12.36 13.72
N ALA A 157 2.78 11.20 14.18
CA ALA A 157 2.28 10.18 13.28
C ALA A 157 1.01 10.64 12.57
N MET A 158 0.07 11.21 13.32
CA MET A 158 -1.22 11.62 12.77
C MET A 158 -1.86 10.52 11.95
N ASN A 159 -1.94 9.32 12.55
CA ASN A 159 -2.42 8.15 11.84
C ASN A 159 -3.88 8.28 11.42
N VAL A 160 -4.61 9.23 12.01
CA VAL A 160 -6.00 9.49 11.60
C VAL A 160 -6.06 10.01 10.17
N ASN A 161 -5.05 10.78 9.75
CA ASN A 161 -5.09 11.54 8.50
C ASN A 161 -4.63 10.71 7.33
N ILE A 162 -5.16 11.02 6.15
CA ILE A 162 -4.74 10.38 4.92
C ILE A 162 -3.39 10.92 4.45
N THR A 163 -3.24 12.24 4.46
CA THR A 163 -2.03 12.91 4.02
C THR A 163 -1.25 13.46 5.22
N HIS A 164 0.07 13.39 5.12
CA HIS A 164 0.97 13.93 6.12
C HIS A 164 1.89 14.96 5.48
N GLU A 165 2.27 15.96 6.26
CA GLU A 165 3.09 17.04 5.72
C GLU A 165 3.99 17.63 6.79
N TYR A 166 5.12 18.17 6.34
CA TYR A 166 6.06 18.88 7.17
C TYR A 166 6.68 20.00 6.33
N LEU A 167 6.80 21.19 6.92
CA LEU A 167 7.36 22.35 6.24
C LEU A 167 8.78 22.56 6.73
N LEU A 168 9.74 22.15 5.91
CA LEU A 168 11.15 22.39 6.19
C LEU A 168 11.45 23.88 6.01
N ASN A 169 12.12 24.48 7.00
CA ASN A 169 12.42 25.92 6.95
C ASN A 169 13.88 26.17 7.33
N SER A 170 14.26 27.46 7.35
CA SER A 170 15.62 27.90 7.65
C SER A 170 16.62 27.35 6.63
N LEU A 171 16.20 27.27 5.37
CA LEU A 171 17.06 26.80 4.30
C LEU A 171 17.72 27.98 3.58
N LYS A 172 18.77 27.65 2.81
CA LYS A 172 19.39 28.64 1.95
C LYS A 172 18.62 28.73 0.63
N LYS A 173 18.75 29.88 -0.03
CA LYS A 173 18.07 30.10 -1.29
C LYS A 173 18.88 29.53 -2.46
N SER A 174 18.17 29.19 -3.53
CA SER A 174 18.76 28.63 -4.75
C SER A 174 19.73 27.49 -4.43
N THR A 175 19.27 26.58 -3.58
CA THR A 175 20.07 25.45 -3.11
C THR A 175 19.29 24.15 -3.32
N LYS A 176 19.99 23.11 -3.78
CA LYS A 176 19.38 21.81 -3.99
C LYS A 176 19.48 20.96 -2.73
N TYR A 177 18.35 20.44 -2.27
CA TYR A 177 18.28 19.62 -1.06
C TYR A 177 17.81 18.22 -1.41
N SER A 178 18.35 17.23 -0.69
CA SER A 178 17.91 15.85 -0.80
C SER A 178 16.98 15.53 0.36
N ILE A 179 15.79 15.00 0.06
CA ILE A 179 14.73 14.80 1.04
C ILE A 179 14.38 13.32 1.11
N VAL A 180 14.29 12.79 2.33
CA VAL A 180 13.83 11.42 2.58
C VAL A 180 12.89 11.46 3.78
N VAL A 181 11.97 10.51 3.83
CA VAL A 181 11.05 10.36 4.95
C VAL A 181 11.05 8.91 5.39
N LYS A 182 10.98 8.68 6.71
CA LYS A 182 10.93 7.36 7.30
C LYS A 182 9.77 7.30 8.30
N ALA A 183 9.13 6.15 8.40
CA ALA A 183 8.18 5.90 9.47
C ALA A 183 8.88 5.21 10.63
N TYR A 184 8.34 5.37 11.83
CA TYR A 184 8.93 4.71 12.98
C TYR A 184 7.86 4.40 14.02
N ASN A 185 8.12 3.34 14.79
CA ASN A 185 7.24 2.94 15.90
C ASN A 185 8.13 2.56 17.07
N ALA A 186 7.53 1.93 18.08
CA ALA A 186 8.24 1.64 19.32
C ALA A 186 9.41 0.68 19.11
N ALA A 187 9.37 -0.13 18.06
CA ALA A 187 10.48 -1.05 17.82
C ALA A 187 11.66 -0.35 17.17
N GLY A 188 11.40 0.56 16.23
CA GLY A 188 12.49 1.25 15.56
C GLY A 188 12.03 2.05 14.36
N THR A 189 12.90 2.12 13.36
CA THR A 189 12.71 2.96 12.19
C THR A 189 12.57 2.10 10.94
N GLY A 190 11.62 2.45 10.09
CA GLY A 190 11.44 1.78 8.83
C GLY A 190 12.40 2.30 7.77
N PRO A 191 12.38 1.65 6.61
CA PRO A 191 13.25 2.08 5.52
C PRO A 191 12.81 3.43 4.97
N ALA A 192 13.74 4.10 4.29
CA ALA A 192 13.49 5.44 3.79
C ALA A 192 12.91 5.41 2.39
N SER A 193 12.15 6.46 2.06
CA SER A 193 11.69 6.66 0.70
C SER A 193 12.87 7.06 -0.20
N GLN A 194 12.71 6.81 -1.50
CA GLN A 194 13.73 7.22 -2.45
C GLN A 194 13.88 8.74 -2.42
N GLU A 195 15.12 9.18 -2.66
CA GLU A 195 15.49 10.59 -2.70
C GLU A 195 14.51 11.43 -3.51
N LEU A 196 14.14 12.57 -2.95
CA LEU A 196 13.55 13.67 -3.70
C LEU A 196 14.53 14.83 -3.67
N ILE A 197 15.00 15.25 -4.84
CA ILE A 197 15.90 16.39 -4.97
C ILE A 197 15.09 17.61 -5.38
N VAL A 198 15.09 18.63 -4.54
CA VAL A 198 14.29 19.83 -4.75
C VAL A 198 15.14 21.05 -4.44
N LYS A 199 14.95 22.11 -5.23
CA LYS A 199 15.76 23.32 -5.14
C LYS A 199 14.92 24.47 -4.59
N THR A 200 15.42 25.13 -3.56
CA THR A 200 14.72 26.28 -3.00
C THR A 200 14.70 27.43 -4.01
N LEU A 201 13.69 28.29 -3.89
CA LEU A 201 13.54 29.41 -4.80
C LEU A 201 14.65 30.43 -4.60
N ASP A 202 14.72 31.40 -5.52
CA ASP A 202 15.73 32.45 -5.47
C ASP A 202 15.26 33.72 -4.77
N GLY A 203 13.96 33.85 -4.50
CA GLY A 203 13.44 35.08 -3.93
C GLY A 203 13.35 36.24 -4.90
N VAL A 204 13.52 35.98 -6.19
CA VAL A 204 13.57 37.03 -7.20
C VAL A 204 12.47 36.81 -8.22
N LEU A 205 12.54 35.68 -8.93
CA LEU A 205 11.53 35.34 -9.91
C LEU A 205 10.25 34.93 -9.20
N PRO A 206 9.09 35.02 -9.89
CA PRO A 206 7.81 34.74 -9.22
C PRO A 206 7.73 33.31 -8.70
N ARG A 207 7.16 33.17 -7.51
CA ARG A 207 6.99 31.85 -6.92
C ARG A 207 5.92 31.07 -7.69
N PRO A 208 6.07 29.75 -7.78
CA PRO A 208 5.17 28.97 -8.64
C PRO A 208 3.74 29.03 -8.16
N PRO A 209 2.80 29.34 -9.04
CA PRO A 209 1.39 29.40 -8.64
C PRO A 209 0.90 28.03 -8.17
N SER A 210 -0.15 28.05 -7.37
CA SER A 210 -0.77 26.82 -6.87
C SER A 210 -2.08 26.65 -7.65
N VAL A 211 -2.04 25.82 -8.69
CA VAL A 211 -3.15 25.66 -9.63
C VAL A 211 -3.95 24.42 -9.25
N SER A 212 -5.26 24.53 -9.27
CA SER A 212 -6.14 23.43 -8.91
C SER A 212 -7.32 23.37 -9.87
N LEU A 213 -7.91 22.18 -9.98
CA LEU A 213 -8.98 21.96 -10.94
C LEU A 213 -10.28 22.58 -10.44
N LEU A 214 -10.95 23.33 -11.33
CA LEU A 214 -12.25 23.92 -11.04
C LEU A 214 -13.39 23.07 -11.61
N SER A 215 -13.36 22.82 -12.91
CA SER A 215 -14.44 22.14 -13.61
C SER A 215 -13.89 21.57 -14.90
N ALA A 216 -14.54 20.52 -15.40
CA ALA A 216 -14.23 19.99 -16.71
C ALA A 216 -15.52 19.68 -17.43
N SER A 217 -15.46 19.76 -18.76
CA SER A 217 -16.60 19.46 -19.60
C SER A 217 -16.13 18.54 -20.72
N ASP A 218 -17.03 18.29 -21.68
CA ASP A 218 -16.63 17.52 -22.86
C ASP A 218 -15.63 18.30 -23.70
N SER A 219 -15.70 19.63 -23.65
CA SER A 219 -14.92 20.51 -24.52
C SER A 219 -14.01 21.47 -23.77
N THR A 220 -14.15 21.59 -22.45
CA THR A 220 -13.47 22.64 -21.71
C THR A 220 -12.82 22.07 -20.45
N ILE A 221 -11.81 22.81 -19.98
CA ILE A 221 -11.23 22.60 -18.65
C ILE A 221 -11.01 23.99 -18.04
N SER A 222 -11.40 24.15 -16.79
CA SER A 222 -11.24 25.40 -16.06
C SER A 222 -10.41 25.16 -14.81
N VAL A 223 -9.45 26.05 -14.57
CA VAL A 223 -8.53 25.93 -13.44
C VAL A 223 -8.41 27.28 -12.75
N LYS A 224 -7.96 27.25 -11.50
CA LYS A 224 -7.74 28.44 -10.69
C LYS A 224 -6.36 28.37 -10.07
N TRP A 225 -5.88 29.53 -9.62
CA TRP A 225 -4.62 29.58 -8.87
C TRP A 225 -4.65 30.76 -7.90
N GLY A 226 -3.76 30.69 -6.91
CA GLY A 226 -3.77 31.68 -5.86
C GLY A 226 -3.28 33.03 -6.32
N HIS A 227 -3.81 34.09 -5.68
CA HIS A 227 -3.43 35.45 -6.01
C HIS A 227 -2.21 35.88 -5.18
N THR A 228 -1.56 36.94 -5.67
CA THR A 228 -0.38 37.52 -5.04
C THR A 228 -0.65 37.99 -3.62
N ASP A 232 6.57 39.22 -4.19
CA ASP A 232 5.93 40.48 -3.84
C ASP A 232 6.08 41.51 -4.97
N GLU A 233 7.00 41.25 -5.87
CA GLU A 233 7.15 42.09 -7.05
C GLU A 233 5.93 41.94 -7.95
N PRO A 234 5.36 43.04 -8.47
CA PRO A 234 4.15 42.93 -9.30
C PRO A 234 4.28 41.95 -10.45
N VAL A 235 3.35 40.99 -10.52
CA VAL A 235 3.37 40.01 -11.59
C VAL A 235 2.86 40.66 -12.87
N THR A 236 3.65 40.55 -13.95
CA THR A 236 3.27 41.16 -15.21
C THR A 236 2.37 40.27 -16.06
N GLY A 237 2.33 38.96 -15.81
CA GLY A 237 1.48 38.09 -16.59
C GLY A 237 1.69 36.64 -16.24
N TYR A 238 0.85 35.81 -16.85
CA TYR A 238 0.87 34.37 -16.64
C TYR A 238 0.89 33.69 -18.00
N THR A 239 1.36 32.45 -18.02
CA THR A 239 1.28 31.59 -19.19
C THR A 239 0.71 30.25 -18.79
N LEU A 240 -0.38 29.85 -19.44
CA LEU A 240 -0.99 28.54 -19.23
C LEU A 240 -0.53 27.59 -20.32
N HIS A 241 0.01 26.44 -19.91
CA HIS A 241 0.53 25.43 -20.83
C HIS A 241 -0.33 24.18 -20.73
N TYR A 242 -0.61 23.57 -21.87
CA TYR A 242 -1.42 22.36 -21.88
C TYR A 242 -1.04 21.48 -23.08
N ARG A 243 -1.44 20.22 -23.01
CA ARG A 243 -1.17 19.25 -24.08
C ARG A 243 -1.97 17.98 -23.81
N LYS A 244 -2.31 17.28 -24.89
CA LYS A 244 -2.85 15.93 -24.77
C LYS A 244 -1.80 15.00 -24.18
N LYS A 245 -2.28 13.90 -23.59
CA LYS A 245 -1.36 12.86 -23.13
C LYS A 245 -0.43 12.39 -24.24
N VAL A 246 -0.91 12.41 -25.49
CA VAL A 246 -0.07 12.18 -26.67
C VAL A 246 -0.20 13.42 -27.55
N GLY A 247 0.77 14.33 -27.46
CA GLY A 247 0.71 15.56 -28.24
C GLY A 247 1.75 16.53 -27.76
N HIS A 248 1.79 17.68 -28.43
CA HIS A 248 2.79 18.70 -28.14
C HIS A 248 2.19 19.83 -27.32
N TRP A 249 3.07 20.59 -26.67
CA TRP A 249 2.65 21.64 -25.75
C TRP A 249 2.07 22.82 -26.52
N LEU A 250 1.00 23.40 -25.96
CA LEU A 250 0.41 24.64 -26.44
C LEU A 250 0.42 25.67 -25.33
N HIS A 251 0.60 26.93 -25.71
CA HIS A 251 0.90 27.99 -24.74
C HIS A 251 -0.09 29.15 -24.91
N VAL A 252 -0.89 29.39 -23.88
CA VAL A 252 -1.86 30.48 -23.86
C VAL A 252 -1.30 31.59 -23.00
N PRO A 253 -0.88 32.71 -23.56
CA PRO A 253 -0.37 33.83 -22.74
C PRO A 253 -1.52 34.64 -22.14
N LEU A 254 -1.39 34.94 -20.86
CA LEU A 254 -2.38 35.73 -20.12
C LEU A 254 -1.67 36.95 -19.56
N LEU A 255 -1.59 38.01 -20.36
CA LEU A 255 -0.99 39.25 -19.87
C LEU A 255 -1.87 39.91 -18.82
N ALA A 256 -3.15 39.55 -18.77
CA ALA A 256 -4.02 39.98 -17.69
C ALA A 256 -3.57 39.31 -16.39
N SER A 257 -3.25 40.11 -15.37
CA SER A 257 -2.86 39.58 -14.08
C SER A 257 -3.99 39.59 -13.05
N ASP A 258 -5.16 40.04 -13.40
CA ASP A 258 -6.19 40.21 -12.41
C ASP A 258 -6.97 38.97 -12.03
N GLN A 259 -7.52 38.20 -12.98
CA GLN A 259 -8.65 37.30 -12.69
C GLN A 259 -8.34 36.12 -11.76
N THR A 260 -7.24 35.42 -12.02
CA THR A 260 -6.72 34.21 -11.36
C THR A 260 -7.41 32.91 -11.79
N ARG A 261 -8.19 32.92 -12.87
CA ARG A 261 -8.85 31.73 -13.36
C ARG A 261 -8.76 31.70 -14.87
N TYR A 262 -8.95 30.51 -15.46
CA TYR A 262 -8.98 30.39 -16.91
C TYR A 262 -9.72 29.11 -17.29
N THR A 263 -10.41 29.18 -18.43
CA THR A 263 -11.15 28.04 -18.97
C THR A 263 -10.63 27.74 -20.38
N LEU A 264 -10.02 26.57 -20.53
CA LEU A 264 -9.60 26.11 -21.85
C LEU A 264 -10.83 25.73 -22.68
N THR A 265 -10.80 26.08 -23.96
CA THR A 265 -11.91 25.76 -24.85
C THR A 265 -11.39 25.06 -26.09
N GLY A 266 -12.31 24.37 -26.76
CA GLY A 266 -11.96 23.68 -28.00
C GLY A 266 -11.19 22.40 -27.83
N LEU A 267 -11.43 21.66 -26.74
CA LEU A 267 -10.70 20.43 -26.48
C LEU A 267 -11.46 19.23 -27.04
N ASP A 268 -10.78 18.09 -27.08
CA ASP A 268 -11.38 16.84 -27.52
C ASP A 268 -12.01 16.10 -26.34
N SER A 269 -13.08 15.37 -26.63
CA SER A 269 -13.79 14.65 -25.58
C SER A 269 -13.04 13.40 -25.17
N ASP A 270 -13.23 12.99 -23.90
CA ASP A 270 -12.65 11.78 -23.33
C ASP A 270 -11.14 11.72 -23.60
N THR A 271 -10.47 12.82 -23.33
CA THR A 271 -9.04 12.97 -23.59
C THR A 271 -8.35 13.51 -22.35
N THR A 272 -7.18 12.97 -22.05
CA THR A 272 -6.40 13.41 -20.89
C THR A 272 -5.46 14.54 -21.30
N TYR A 273 -5.52 15.65 -20.56
CA TYR A 273 -4.70 16.82 -20.82
C TYR A 273 -3.82 17.13 -19.62
N ASN A 274 -2.56 17.48 -19.89
CA ASN A 274 -1.68 18.05 -18.88
C ASN A 274 -1.86 19.57 -18.87
N VAL A 275 -1.83 20.15 -17.68
CA VAL A 275 -1.97 21.60 -17.52
C VAL A 275 -1.01 22.08 -16.44
N TYR A 276 -0.35 23.21 -16.68
CA TYR A 276 0.40 23.90 -15.64
C TYR A 276 0.52 25.36 -15.99
N VAL A 277 0.81 26.18 -14.98
CA VAL A 277 0.79 27.63 -15.09
C VAL A 277 2.14 28.18 -14.62
N THR A 278 2.67 29.14 -15.38
CA THR A 278 3.86 29.88 -14.97
C THR A 278 3.51 31.35 -14.83
N ALA A 279 4.19 32.02 -13.91
CA ALA A 279 4.08 33.45 -13.72
C ALA A 279 5.38 34.12 -14.14
N ASN A 280 5.26 35.34 -14.64
CA ASN A 280 6.43 36.12 -15.00
C ASN A 280 6.31 37.54 -14.45
N ASN A 281 7.45 38.13 -14.11
CA ASN A 281 7.50 39.51 -13.68
C ASN A 281 8.69 40.17 -14.39
N ARG A 282 9.05 41.36 -13.89
CA ARG A 282 10.19 42.11 -14.43
C ARG A 282 11.43 41.24 -14.61
N TYR A 283 11.65 40.27 -13.73
CA TYR A 283 12.88 39.49 -13.74
C TYR A 283 12.85 38.33 -14.71
N GLY A 284 11.67 37.90 -15.18
CA GLY A 284 11.57 36.80 -16.10
C GLY A 284 10.52 35.81 -15.65
N ARG A 285 10.56 34.62 -16.23
CA ARG A 285 9.55 33.59 -16.00
C ARG A 285 9.89 32.78 -14.75
N GLY A 286 8.90 32.65 -13.87
CA GLY A 286 9.09 31.91 -12.64
C GLY A 286 8.88 30.41 -12.82
N ASP A 287 9.28 29.66 -11.79
CA ASP A 287 9.18 28.22 -11.83
C ASP A 287 7.72 27.79 -12.00
N PRO A 288 7.48 26.61 -12.57
CA PRO A 288 6.12 26.22 -12.93
C PRO A 288 5.31 25.70 -11.75
N SER A 289 4.01 25.53 -11.99
CA SER A 289 3.08 24.90 -11.07
C SER A 289 3.44 23.43 -10.88
N GLY A 290 2.70 22.73 -10.03
CA GLY A 290 2.53 21.31 -10.25
C GLY A 290 1.82 21.09 -11.58
N ILE A 291 2.09 19.95 -12.21
CA ILE A 291 1.50 19.65 -13.51
C ILE A 291 0.26 18.78 -13.28
N LEU A 292 -0.90 19.28 -13.74
CA LEU A 292 -2.16 18.59 -13.55
C LEU A 292 -2.38 17.59 -14.69
N SER A 293 -3.16 16.55 -14.39
CA SER A 293 -3.64 15.60 -15.40
C SER A 293 -5.16 15.57 -15.29
N VAL A 294 -5.85 16.12 -16.28
CA VAL A 294 -7.30 16.26 -16.28
C VAL A 294 -7.84 15.59 -17.54
N ARG A 295 -8.92 14.83 -17.39
CA ARG A 295 -9.59 14.21 -18.53
C ARG A 295 -10.93 14.87 -18.77
N THR A 296 -11.20 15.18 -20.04
CA THR A 296 -12.46 15.80 -20.43
C THR A 296 -13.60 14.79 -20.41
N GLY A 297 -14.80 15.28 -20.18
CA GLY A 297 -15.98 14.44 -20.16
C GLY A 297 -16.39 13.97 -21.55
N ASP A 298 -17.48 13.20 -21.59
CA ASP A 298 -17.96 12.61 -22.84
C ASP A 298 -18.89 13.54 -23.61
N PRO B 6 13.73 20.48 -29.86
CA PRO B 6 14.60 19.89 -30.89
C PRO B 6 13.88 18.84 -31.71
N LEU B 7 14.33 18.64 -32.95
CA LEU B 7 13.84 17.54 -33.76
C LEU B 7 14.40 16.21 -33.24
N ASP B 8 13.66 15.15 -33.51
CA ASP B 8 14.11 13.75 -33.35
C ASP B 8 14.63 13.48 -31.94
N VAL B 9 13.78 13.74 -30.97
CA VAL B 9 14.12 13.42 -29.58
C VAL B 9 13.96 11.93 -29.37
N LYS B 10 14.99 11.29 -28.83
CA LYS B 10 15.00 9.87 -28.58
C LYS B 10 15.48 9.61 -27.16
N ILE B 11 14.89 8.62 -26.49
CA ILE B 11 15.44 8.09 -25.25
C ILE B 11 16.41 6.99 -25.66
N GLN B 12 17.71 7.31 -25.64
CA GLN B 12 18.70 6.43 -26.23
C GLN B 12 18.87 5.15 -25.43
N GLU B 13 18.91 5.24 -24.11
CA GLU B 13 19.03 4.07 -23.25
C GLU B 13 18.33 4.34 -21.93
N ILE B 14 17.76 3.29 -21.36
CA ILE B 14 16.96 3.37 -20.14
C ILE B 14 17.56 2.47 -19.07
N TRP B 15 17.65 2.98 -17.85
CA TRP B 15 17.97 2.19 -16.67
C TRP B 15 16.76 2.22 -15.75
N SER B 16 16.88 1.61 -14.56
CA SER B 16 15.75 1.64 -13.65
C SER B 16 15.59 3.01 -13.00
N ARG B 17 16.69 3.77 -12.86
CA ARG B 17 16.63 5.07 -12.24
C ARG B 17 17.23 6.17 -13.10
N SER B 18 17.62 5.87 -14.34
CA SER B 18 18.28 6.82 -15.21
C SER B 18 17.79 6.66 -16.64
N ALA B 19 17.91 7.74 -17.41
CA ALA B 19 17.58 7.71 -18.83
C ALA B 19 18.46 8.72 -19.57
N ASN B 20 19.06 8.28 -20.67
CA ASN B 20 19.86 9.16 -21.51
C ASN B 20 18.98 9.68 -22.64
N ILE B 21 18.89 11.01 -22.75
CA ILE B 21 18.05 11.68 -23.75
C ILE B 21 18.93 12.15 -24.90
N THR B 22 18.37 12.11 -26.11
CA THR B 22 19.11 12.36 -27.34
C THR B 22 18.25 13.22 -28.27
N TRP B 23 18.91 14.13 -28.99
CA TRP B 23 18.22 14.92 -30.01
C TRP B 23 19.24 15.43 -31.02
N THR B 24 18.74 16.08 -32.07
CA THR B 24 19.58 16.68 -33.11
C THR B 24 19.30 18.18 -33.20
N ALA B 25 20.32 18.92 -33.63
CA ALA B 25 20.29 20.37 -33.72
C ALA B 25 19.09 20.85 -34.55
N PRO B 26 18.20 21.66 -33.99
CA PRO B 26 16.99 22.07 -34.72
C PRO B 26 17.17 23.24 -35.66
N TYR B 27 16.06 23.71 -36.23
CA TYR B 27 16.03 24.96 -36.97
C TYR B 27 16.54 26.11 -36.11
N SER B 28 17.48 26.88 -36.65
CA SER B 28 18.02 28.05 -35.98
C SER B 28 17.31 29.31 -36.47
N SER B 31 17.30 32.74 -35.59
CA SER B 31 17.72 32.95 -34.21
C SER B 31 18.37 31.70 -33.62
N PRO B 32 19.61 31.81 -33.17
CA PRO B 32 20.32 30.64 -32.67
C PRO B 32 19.76 30.20 -31.32
N ILE B 33 20.12 28.97 -30.94
CA ILE B 33 19.59 28.35 -29.73
C ILE B 33 20.46 28.76 -28.55
N THR B 34 19.85 29.39 -27.55
CA THR B 34 20.62 29.74 -26.36
C THR B 34 20.89 28.52 -25.49
N LYS B 35 19.84 27.78 -25.09
CA LYS B 35 20.01 26.62 -24.23
C LYS B 35 19.01 25.53 -24.63
N TYR B 36 19.15 24.37 -23.99
CA TYR B 36 18.18 23.28 -24.10
C TYR B 36 17.53 23.07 -22.74
N PHE B 37 16.20 23.04 -22.73
CA PHE B 37 15.40 22.98 -21.50
C PHE B 37 14.68 21.64 -21.47
N VAL B 38 14.93 20.84 -20.44
CA VAL B 38 14.40 19.48 -20.35
C VAL B 38 13.41 19.42 -19.19
N GLN B 39 12.13 19.26 -19.52
CA GLN B 39 11.10 19.01 -18.53
C GLN B 39 10.72 17.53 -18.54
N TYR B 40 10.39 17.01 -17.36
CA TYR B 40 9.94 15.63 -17.26
C TYR B 40 9.13 15.46 -15.98
N TRP B 41 8.14 14.56 -16.03
CA TRP B 41 7.22 14.35 -14.92
C TRP B 41 6.63 12.95 -15.03
N LYS B 42 6.08 12.47 -13.92
CA LYS B 42 5.41 11.18 -13.92
C LYS B 42 4.16 11.25 -14.77
N ASP B 43 3.92 10.18 -15.54
CA ASP B 43 2.81 10.12 -16.48
C ASP B 43 1.57 9.41 -15.92
N LYS B 44 1.30 9.59 -14.63
CA LYS B 44 0.10 9.04 -14.03
C LYS B 44 -0.93 10.16 -13.81
N ALA B 45 -2.12 9.78 -13.35
CA ALA B 45 -3.17 10.76 -13.11
C ALA B 45 -2.89 11.54 -11.83
N GLY B 46 -3.57 12.67 -11.69
CA GLY B 46 -3.36 13.55 -10.57
C GLY B 46 -2.17 14.47 -10.77
N SER B 47 -2.08 15.45 -9.87
CA SER B 47 -1.05 16.47 -9.97
C SER B 47 0.33 15.89 -9.67
N GLN B 48 1.32 16.27 -10.48
CA GLN B 48 2.68 15.76 -10.35
C GLN B 48 3.67 16.91 -10.32
N MET B 49 4.90 16.58 -9.93
CA MET B 49 5.99 17.55 -9.86
C MET B 49 6.62 17.72 -11.24
N LEU B 50 6.74 18.97 -11.68
CA LEU B 50 7.32 19.27 -12.99
C LEU B 50 8.82 19.52 -12.80
N GLN B 51 9.63 18.50 -13.10
CA GLN B 51 11.07 18.59 -12.92
C GLN B 51 11.71 19.21 -14.16
N GLU B 52 12.69 20.08 -13.94
CA GLU B 52 13.31 20.83 -15.01
C GLU B 52 14.82 20.84 -14.84
N GLU B 53 15.52 20.93 -15.97
CA GLU B 53 16.98 20.84 -15.97
C GLU B 53 17.50 21.45 -17.25
N GLU B 54 18.54 22.27 -17.15
CA GLU B 54 19.11 22.96 -18.28
C GLU B 54 20.36 22.26 -18.81
N VAL B 55 20.65 22.51 -20.08
CA VAL B 55 21.80 21.94 -20.79
C VAL B 55 22.26 22.99 -21.80
N THR B 56 23.58 23.16 -21.94
CA THR B 56 24.09 24.16 -22.87
C THR B 56 23.75 23.78 -24.31
N ALA B 57 23.89 24.75 -25.21
CA ALA B 57 23.61 24.52 -26.62
C ALA B 57 24.66 23.64 -27.30
N ALA B 58 25.80 23.43 -26.65
CA ALA B 58 26.86 22.58 -27.21
C ALA B 58 26.60 21.10 -27.02
N HIS B 59 25.61 20.73 -26.20
CA HIS B 59 25.30 19.34 -25.92
C HIS B 59 24.06 18.91 -26.67
N SER B 60 24.13 17.74 -27.29
CA SER B 60 23.00 17.09 -27.97
C SER B 60 22.41 15.96 -27.13
N SER B 61 22.65 15.95 -25.82
CA SER B 61 22.34 14.80 -24.98
C SER B 61 22.36 15.22 -23.53
N VAL B 62 21.69 14.42 -22.69
CA VAL B 62 21.74 14.59 -21.25
C VAL B 62 21.29 13.27 -20.62
N VAL B 63 21.74 13.03 -19.38
CA VAL B 63 21.31 11.87 -18.61
C VAL B 63 20.49 12.38 -17.42
N ILE B 64 19.26 11.89 -17.32
CA ILE B 64 18.38 12.22 -16.20
C ILE B 64 18.54 11.17 -15.12
N ASN B 65 18.66 11.61 -13.87
CA ASN B 65 18.98 10.70 -12.77
C ASN B 65 17.90 10.77 -11.70
N ASN B 66 17.95 9.78 -10.80
CA ASN B 66 17.07 9.70 -9.62
C ASN B 66 15.60 9.55 -10.05
N LEU B 67 15.38 8.68 -11.03
CA LEU B 67 14.03 8.33 -11.43
C LEU B 67 13.53 7.15 -10.60
N HIS B 68 12.20 6.98 -10.59
CA HIS B 68 11.69 5.83 -9.87
C HIS B 68 11.60 4.62 -10.80
N PRO B 69 11.90 3.42 -10.31
CA PRO B 69 11.89 2.25 -11.18
C PRO B 69 10.47 1.90 -11.62
N GLY B 70 10.39 1.25 -12.78
CA GLY B 70 9.13 0.77 -13.32
C GLY B 70 8.04 1.82 -13.35
N THR B 71 8.42 3.07 -13.62
CA THR B 71 7.51 4.20 -13.63
C THR B 71 7.44 4.80 -15.02
N SER B 72 6.24 5.22 -15.42
CA SER B 72 6.01 5.85 -16.71
C SER B 72 6.23 7.35 -16.61
N TYR B 73 7.05 7.89 -17.51
CA TYR B 73 7.39 9.31 -17.50
C TYR B 73 7.08 9.93 -18.86
N ALA B 74 6.75 11.22 -18.83
CA ALA B 74 6.72 12.04 -20.02
C ALA B 74 7.82 13.10 -19.92
N LEU B 75 8.35 13.50 -21.07
CA LEU B 75 9.52 14.35 -21.09
C LEU B 75 9.50 15.22 -22.34
N THR B 76 9.85 16.49 -22.18
CA THR B 76 9.94 17.41 -23.29
C THR B 76 11.28 18.14 -23.28
N VAL B 77 11.86 18.30 -24.46
CA VAL B 77 13.07 19.11 -24.67
C VAL B 77 12.67 20.37 -25.42
N ILE B 78 13.10 21.52 -24.92
CA ILE B 78 12.84 22.82 -25.55
C ILE B 78 14.17 23.46 -25.92
N ALA B 79 14.26 23.95 -27.15
CA ALA B 79 15.43 24.69 -27.63
C ALA B 79 15.11 26.16 -27.54
N GLU B 80 15.56 26.82 -26.46
CA GLU B 80 15.23 28.23 -26.27
C GLU B 80 15.99 29.09 -27.28
N ASN B 81 15.47 30.31 -27.48
CA ASN B 81 16.01 31.24 -28.47
C ASN B 81 16.36 32.57 -27.83
N GLU B 82 17.08 33.39 -28.59
CA GLU B 82 17.26 34.80 -28.23
C GLU B 82 15.91 35.51 -28.18
N ILE B 83 15.16 35.42 -29.28
CA ILE B 83 13.85 36.06 -29.35
C ILE B 83 12.88 35.49 -28.33
N GLY B 84 13.08 34.25 -27.88
CA GLY B 84 12.12 33.61 -27.00
C GLY B 84 10.75 33.41 -27.64
N HIS B 85 10.72 33.08 -28.92
CA HIS B 85 9.46 32.90 -29.65
C HIS B 85 9.65 31.82 -30.69
N GLY B 86 8.62 30.98 -30.86
CA GLY B 86 8.66 29.90 -31.83
C GLY B 86 9.84 28.98 -31.61
N GLU B 87 10.03 28.56 -30.34
CA GLU B 87 11.19 27.79 -29.95
C GLU B 87 10.86 26.30 -30.01
N PRO B 88 11.53 25.52 -30.86
CA PRO B 88 11.12 24.13 -31.10
C PRO B 88 11.01 23.29 -29.83
N SER B 89 9.91 22.55 -29.73
CA SER B 89 9.62 21.70 -28.58
C SER B 89 9.18 20.33 -29.07
N GLU B 90 9.40 19.32 -28.24
CA GLU B 90 9.03 17.95 -28.58
C GLU B 90 8.90 17.16 -27.30
N THR B 91 7.85 16.34 -27.19
CA THR B 91 7.57 15.57 -25.98
C THR B 91 7.58 14.08 -26.31
N VAL B 92 8.27 13.30 -25.46
CA VAL B 92 8.33 11.86 -25.59
C VAL B 92 7.75 11.21 -24.34
N ARG B 93 7.56 9.90 -24.41
CA ARG B 93 7.02 9.11 -23.30
C ARG B 93 7.81 7.82 -23.19
N PHE B 94 8.13 7.43 -21.96
CA PHE B 94 8.89 6.20 -21.75
C PHE B 94 8.59 5.65 -20.35
N ILE B 95 9.06 4.42 -20.12
CA ILE B 95 8.91 3.74 -18.84
C ILE B 95 10.30 3.32 -18.37
N THR B 96 10.60 3.59 -17.10
CA THR B 96 11.94 3.28 -16.62
C THR B 96 12.11 1.77 -16.42
N GLY B 97 13.36 1.35 -16.33
CA GLY B 97 13.66 -0.06 -16.11
C GLY B 97 13.10 -0.55 -14.79
N GLU B 98 13.04 -1.88 -14.67
CA GLU B 98 12.39 -2.52 -13.54
C GLU B 98 13.38 -2.83 -12.42
N GLU B 99 12.86 -2.84 -11.20
CA GLU B 99 13.57 -3.38 -10.04
C GLU B 99 12.67 -4.37 -9.33
N GLU B 100 13.30 -5.31 -8.63
CA GLU B 100 12.55 -6.38 -7.98
C GLU B 100 11.57 -5.81 -6.96
N PRO B 101 10.41 -6.45 -6.79
CA PRO B 101 9.45 -5.98 -5.76
C PRO B 101 10.10 -5.98 -4.39
N SER B 102 9.75 -4.97 -3.59
CA SER B 102 10.37 -4.76 -2.30
C SER B 102 9.46 -5.10 -1.13
N GLY B 103 8.25 -5.59 -1.40
CA GLY B 103 7.32 -5.97 -0.37
C GLY B 103 6.66 -7.31 -0.67
N PRO B 104 6.37 -8.08 0.38
CA PRO B 104 5.74 -9.39 0.18
C PRO B 104 4.25 -9.26 0.01
N PRO B 105 3.58 -10.29 -0.49
CA PRO B 105 2.11 -10.30 -0.42
C PRO B 105 1.66 -10.27 1.02
N THR B 106 0.39 -9.90 1.22
CA THR B 106 -0.14 -9.78 2.57
C THR B 106 -1.48 -10.51 2.68
N ASP B 107 -1.97 -10.56 3.93
CA ASP B 107 -3.26 -11.16 4.27
C ASP B 107 -3.37 -12.59 3.75
N LEU B 108 -2.31 -13.36 3.94
CA LEU B 108 -2.35 -14.76 3.54
C LEU B 108 -3.44 -15.49 4.30
N TRP B 109 -4.12 -16.39 3.61
CA TRP B 109 -5.42 -16.85 4.05
C TRP B 109 -5.66 -18.25 3.54
N VAL B 110 -6.14 -19.12 4.41
CA VAL B 110 -6.63 -20.44 4.02
C VAL B 110 -8.12 -20.33 3.76
N GLU B 111 -8.56 -20.76 2.58
CA GLU B 111 -9.97 -20.71 2.20
C GLU B 111 -10.68 -22.04 2.44
N SER B 112 -10.19 -23.10 1.82
CA SER B 112 -10.70 -24.44 1.99
C SER B 112 -9.57 -25.36 2.44
N ARG B 113 -9.94 -26.58 2.84
CA ARG B 113 -8.97 -27.59 3.20
C ARG B 113 -9.57 -28.96 2.95
N GLY B 114 -8.70 -29.92 2.63
CA GLY B 114 -9.04 -31.32 2.57
C GLY B 114 -7.89 -32.13 3.12
N PRO B 115 -7.98 -33.46 3.03
CA PRO B 115 -6.83 -34.29 3.44
C PRO B 115 -5.66 -34.21 2.48
N PHE B 116 -5.89 -33.78 1.24
CA PHE B 116 -4.83 -33.72 0.24
C PHE B 116 -4.63 -32.34 -0.34
N THR B 117 -5.48 -31.36 -0.02
CA THR B 117 -5.46 -30.06 -0.66
C THR B 117 -5.48 -28.93 0.36
N ILE B 118 -4.86 -27.82 -0.03
CA ILE B 118 -4.89 -26.57 0.73
C ILE B 118 -5.10 -25.43 -0.26
N LEU B 119 -6.10 -24.59 0.01
CA LEU B 119 -6.38 -23.43 -0.84
C LEU B 119 -5.82 -22.18 -0.18
N VAL B 120 -4.75 -21.65 -0.76
CA VAL B 120 -4.11 -20.43 -0.27
C VAL B 120 -4.72 -19.23 -0.99
N ARG B 121 -4.88 -18.13 -0.27
CA ARG B 121 -5.24 -16.86 -0.89
C ARG B 121 -4.39 -15.74 -0.29
N TRP B 122 -4.24 -14.67 -1.07
CA TRP B 122 -3.43 -13.54 -0.64
C TRP B 122 -3.82 -12.31 -1.46
N LYS B 123 -3.57 -11.15 -0.89
CA LYS B 123 -3.66 -9.88 -1.58
C LYS B 123 -2.29 -9.49 -2.11
N ALA B 124 -2.28 -8.73 -3.19
CA ALA B 124 -1.02 -8.30 -3.78
C ALA B 124 -0.33 -7.29 -2.88
N PRO B 125 1.00 -7.23 -2.94
CA PRO B 125 1.69 -6.11 -2.32
C PRO B 125 1.24 -4.81 -2.97
N PRO B 126 1.35 -3.69 -2.27
CA PRO B 126 0.84 -2.43 -2.83
C PRO B 126 1.61 -2.05 -4.09
N LYS B 127 0.88 -1.45 -5.04
CA LYS B 127 1.45 -1.14 -6.35
C LYS B 127 2.75 -0.35 -6.23
N GLU B 128 2.84 0.52 -5.22
CA GLU B 128 4.02 1.36 -5.04
C GLU B 128 5.28 0.55 -4.76
N TYR B 129 5.15 -0.72 -4.34
CA TYR B 129 6.30 -1.56 -4.04
C TYR B 129 6.63 -2.54 -5.16
N TRP B 130 5.93 -2.45 -6.30
CA TRP B 130 6.18 -3.38 -7.39
C TRP B 130 7.49 -3.07 -8.10
N HIS B 131 7.74 -1.78 -8.38
CA HIS B 131 8.91 -1.35 -9.14
C HIS B 131 8.99 -2.02 -10.50
N GLY B 132 7.83 -2.33 -11.06
CA GLY B 132 7.72 -3.11 -12.28
C GLY B 132 6.49 -3.98 -12.25
N LYS B 133 5.74 -4.03 -13.35
CA LYS B 133 4.47 -4.75 -13.36
C LYS B 133 4.70 -6.23 -13.07
N LEU B 134 3.95 -6.76 -12.10
CA LEU B 134 4.15 -8.12 -11.66
C LEU B 134 3.86 -9.11 -12.78
N LYS B 135 4.77 -10.08 -12.95
CA LYS B 135 4.56 -11.15 -13.91
C LYS B 135 3.83 -12.34 -13.31
N GLY B 136 3.96 -12.55 -12.01
CA GLY B 136 3.22 -13.60 -11.35
C GLY B 136 3.58 -13.71 -9.89
N TYR B 137 3.29 -14.88 -9.32
CA TYR B 137 3.64 -15.18 -7.95
C TYR B 137 4.27 -16.57 -7.87
N TYR B 138 5.13 -16.76 -6.88
CA TYR B 138 5.68 -18.06 -6.53
C TYR B 138 5.06 -18.48 -5.19
N VAL B 139 4.43 -19.64 -5.17
CA VAL B 139 3.90 -20.25 -3.94
C VAL B 139 4.79 -21.42 -3.59
N GLY B 140 5.46 -21.33 -2.44
CA GLY B 140 6.34 -22.38 -1.96
C GLY B 140 5.72 -23.10 -0.78
N TYR B 141 6.01 -24.39 -0.66
CA TYR B 141 5.49 -25.15 0.46
C TYR B 141 6.39 -26.34 0.77
N LYS B 142 6.39 -26.71 2.05
CA LYS B 142 7.22 -27.77 2.60
C LYS B 142 6.54 -28.29 3.87
N MET B 143 6.85 -29.52 4.24
CA MET B 143 6.43 -30.01 5.54
C MET B 143 7.24 -29.31 6.62
N GLU B 144 6.56 -28.95 7.72
CA GLU B 144 7.13 -28.01 8.68
C GLU B 144 8.45 -28.50 9.26
N GLY B 145 8.54 -29.78 9.58
CA GLY B 145 9.75 -30.29 10.22
C GLY B 145 10.71 -30.97 9.26
N SER B 146 10.90 -30.40 8.07
CA SER B 146 11.73 -31.08 7.08
C SER B 146 12.92 -30.22 6.68
N PRO B 147 14.10 -30.82 6.57
CA PRO B 147 15.30 -30.05 6.17
C PRO B 147 15.25 -29.61 4.72
N GLN B 148 14.53 -30.35 3.87
CA GLN B 148 14.38 -30.05 2.46
C GLN B 148 13.95 -28.59 2.24
N PRO B 149 14.32 -27.98 1.12
CA PRO B 149 13.88 -26.61 0.84
C PRO B 149 12.47 -26.58 0.30
N TYR B 150 11.91 -25.36 0.28
CA TYR B 150 10.59 -25.13 -0.29
C TYR B 150 10.56 -25.56 -1.74
N SER B 151 9.44 -26.14 -2.16
CA SER B 151 9.19 -26.44 -3.56
C SER B 151 8.16 -25.45 -4.08
N PHE B 152 8.53 -24.70 -5.12
CA PHE B 152 7.79 -23.53 -5.57
C PHE B 152 6.94 -23.84 -6.79
N LYS B 153 5.75 -23.24 -6.81
CA LYS B 153 4.81 -23.33 -7.92
C LYS B 153 4.52 -21.93 -8.45
N THR B 154 4.41 -21.80 -9.77
CA THR B 154 4.24 -20.50 -10.41
C THR B 154 2.76 -20.21 -10.65
N VAL B 155 2.35 -18.99 -10.31
CA VAL B 155 0.98 -18.52 -10.43
C VAL B 155 0.97 -17.28 -11.31
N GLU B 156 -0.11 -17.08 -12.05
CA GLU B 156 -0.23 -15.88 -12.85
C GLU B 156 -0.51 -14.68 -11.97
N ALA B 157 -0.11 -13.50 -12.47
CA ALA B 157 -0.18 -12.30 -11.65
C ALA B 157 -1.63 -11.87 -11.40
N MET B 158 -2.47 -11.94 -12.43
CA MET B 158 -3.87 -11.52 -12.35
C MET B 158 -4.00 -10.15 -11.66
N ASN B 159 -3.25 -9.17 -12.19
CA ASN B 159 -3.11 -7.90 -11.50
C ASN B 159 -4.41 -7.11 -11.43
N VAL B 160 -5.42 -7.47 -12.23
CA VAL B 160 -6.70 -6.78 -12.16
C VAL B 160 -7.55 -7.23 -10.98
N ASN B 161 -7.28 -8.42 -10.43
CA ASN B 161 -8.10 -8.96 -9.36
C ASN B 161 -7.65 -8.47 -7.99
N ILE B 162 -8.61 -8.36 -7.08
CA ILE B 162 -8.29 -8.04 -5.69
C ILE B 162 -7.69 -9.25 -4.99
N THR B 163 -8.31 -10.42 -5.15
CA THR B 163 -7.87 -11.64 -4.51
C THR B 163 -7.09 -12.52 -5.47
N HIS B 164 -6.11 -13.23 -4.92
CA HIS B 164 -5.33 -14.21 -5.66
C HIS B 164 -5.38 -15.52 -4.88
N GLU B 165 -5.32 -16.63 -5.61
CA GLU B 165 -5.49 -17.92 -4.95
C GLU B 165 -4.76 -19.01 -5.71
N TYR B 166 -4.39 -20.05 -4.98
CA TYR B 166 -3.76 -21.25 -5.52
C TYR B 166 -4.12 -22.43 -4.64
N LEU B 167 -4.41 -23.56 -5.27
CA LEU B 167 -4.81 -24.77 -4.55
C LEU B 167 -3.65 -25.76 -4.56
N LEU B 168 -3.00 -25.92 -3.41
CA LEU B 168 -2.00 -26.98 -3.27
C LEU B 168 -2.72 -28.32 -3.26
N ASN B 169 -2.20 -29.30 -3.99
CA ASN B 169 -2.83 -30.61 -4.01
C ASN B 169 -1.75 -31.69 -3.96
N SER B 170 -2.21 -32.94 -3.91
CA SER B 170 -1.35 -34.12 -3.75
C SER B 170 -0.51 -34.02 -2.48
N LEU B 171 -1.12 -33.51 -1.43
CA LEU B 171 -0.48 -33.46 -0.12
C LEU B 171 -0.81 -34.70 0.69
N LYS B 172 -0.09 -34.88 1.79
CA LYS B 172 -0.38 -35.96 2.72
C LYS B 172 -1.46 -35.54 3.71
N LYS B 173 -2.07 -36.52 4.36
CA LYS B 173 -3.15 -36.23 5.30
C LYS B 173 -2.58 -35.99 6.69
N SER B 174 -3.28 -35.17 7.47
CA SER B 174 -2.88 -34.84 8.84
C SER B 174 -1.42 -34.43 8.91
N THR B 175 -1.01 -33.57 7.98
CA THR B 175 0.37 -33.11 7.88
C THR B 175 0.42 -31.59 7.94
N LYS B 176 1.39 -31.06 8.68
CA LYS B 176 1.58 -29.63 8.81
C LYS B 176 2.53 -29.12 7.73
N TYR B 177 2.06 -28.15 6.94
CA TYR B 177 2.85 -27.59 5.86
C TYR B 177 3.14 -26.12 6.14
N SER B 178 4.33 -25.68 5.75
CA SER B 178 4.71 -24.27 5.81
C SER B 178 4.56 -23.67 4.43
N ILE B 179 3.86 -22.54 4.34
CA ILE B 179 3.51 -21.92 3.06
C ILE B 179 4.01 -20.49 3.04
N VAL B 180 4.60 -20.08 1.90
CA VAL B 180 5.04 -18.72 1.65
C VAL B 180 4.64 -18.31 0.24
N VAL B 181 4.49 -17.01 0.03
CA VAL B 181 4.20 -16.46 -1.28
C VAL B 181 5.17 -15.32 -1.59
N LYS B 182 5.66 -15.29 -2.83
CA LYS B 182 6.51 -14.21 -3.33
C LYS B 182 5.92 -13.68 -4.63
N ALA B 183 5.99 -12.37 -4.82
CA ALA B 183 5.68 -11.76 -6.10
C ALA B 183 6.96 -11.61 -6.92
N TYR B 184 6.80 -11.53 -8.23
CA TYR B 184 7.96 -11.37 -9.09
C TYR B 184 7.58 -10.60 -10.35
N ASN B 185 8.58 -9.99 -10.96
CA ASN B 185 8.42 -9.25 -12.21
C ASN B 185 9.64 -9.53 -13.08
N ALA B 186 9.84 -8.71 -14.11
CA ALA B 186 10.93 -8.96 -15.06
C ALA B 186 12.28 -8.82 -14.40
N ALA B 187 12.39 -7.98 -13.37
CA ALA B 187 13.68 -7.77 -12.72
C ALA B 187 14.06 -8.94 -11.82
N GLY B 188 13.10 -9.48 -11.08
CA GLY B 188 13.39 -10.57 -10.15
C GLY B 188 12.26 -10.82 -9.18
N THR B 189 12.60 -11.42 -8.05
CA THR B 189 11.63 -11.88 -7.07
C THR B 189 11.65 -11.01 -5.82
N GLY B 190 10.47 -10.70 -5.31
CA GLY B 190 10.35 -9.94 -4.08
C GLY B 190 10.47 -10.82 -2.85
N PRO B 191 10.42 -10.18 -1.68
CA PRO B 191 10.54 -10.93 -0.43
C PRO B 191 9.32 -11.80 -0.17
N ALA B 192 9.54 -12.86 0.60
CA ALA B 192 8.48 -13.80 0.90
C ALA B 192 7.62 -13.32 2.06
N SER B 193 6.35 -13.69 2.03
CA SER B 193 5.47 -13.40 3.15
C SER B 193 5.87 -14.24 4.35
N GLN B 194 5.34 -13.86 5.52
CA GLN B 194 5.60 -14.64 6.71
C GLN B 194 5.02 -16.05 6.55
N GLU B 195 5.73 -17.03 7.09
CA GLU B 195 5.26 -18.42 7.14
C GLU B 195 3.80 -18.51 7.52
N LEU B 196 3.06 -19.35 6.80
CA LEU B 196 1.74 -19.80 7.21
C LEU B 196 1.82 -21.31 7.45
N ILE B 197 1.49 -21.75 8.66
CA ILE B 197 1.53 -23.16 9.03
C ILE B 197 0.11 -23.71 8.96
N VAL B 198 -0.11 -24.67 8.07
CA VAL B 198 -1.44 -25.20 7.78
C VAL B 198 -1.38 -26.72 7.80
N LYS B 199 -2.35 -27.33 8.47
CA LYS B 199 -2.42 -28.77 8.62
C LYS B 199 -3.53 -29.33 7.74
N THR B 200 -3.21 -30.34 6.95
CA THR B 200 -4.20 -31.01 6.13
C THR B 200 -5.15 -31.83 7.02
N LEU B 201 -6.34 -32.07 6.48
CA LEU B 201 -7.36 -32.84 7.21
C LEU B 201 -6.93 -34.30 7.36
N ASP B 202 -7.69 -35.04 8.17
CA ASP B 202 -7.43 -36.46 8.38
C ASP B 202 -8.29 -37.36 7.51
N GLY B 203 -9.33 -36.82 6.87
CA GLY B 203 -10.24 -37.67 6.13
C GLY B 203 -11.15 -38.53 6.98
N VAL B 204 -11.24 -38.24 8.28
CA VAL B 204 -12.04 -39.03 9.21
C VAL B 204 -13.10 -38.15 9.85
N LEU B 205 -12.66 -37.09 10.51
CA LEU B 205 -13.57 -36.15 11.13
C LEU B 205 -14.21 -35.22 10.08
N PRO B 206 -15.33 -34.58 10.42
CA PRO B 206 -15.99 -33.71 9.41
C PRO B 206 -15.12 -32.53 9.03
N ARG B 207 -15.31 -32.08 7.78
CA ARG B 207 -14.65 -30.87 7.32
C ARG B 207 -15.27 -29.64 8.01
N PRO B 208 -14.53 -28.54 8.11
CA PRO B 208 -15.06 -27.34 8.75
C PRO B 208 -16.18 -26.73 7.91
N PRO B 209 -17.30 -26.39 8.52
CA PRO B 209 -18.38 -25.71 7.79
C PRO B 209 -17.94 -24.35 7.31
N SER B 210 -18.68 -23.83 6.33
CA SER B 210 -18.49 -22.46 5.82
C SER B 210 -19.58 -21.59 6.41
N VAL B 211 -19.25 -20.83 7.47
CA VAL B 211 -20.22 -20.01 8.17
C VAL B 211 -20.22 -18.60 7.61
N SER B 212 -21.42 -18.03 7.46
CA SER B 212 -21.58 -16.68 6.94
C SER B 212 -22.68 -15.98 7.72
N LEU B 213 -22.56 -14.65 7.83
CA LEU B 213 -23.56 -13.86 8.52
C LEU B 213 -24.82 -13.76 7.67
N LEU B 214 -25.97 -14.04 8.27
CA LEU B 214 -27.25 -13.97 7.60
C LEU B 214 -27.98 -12.66 7.89
N SER B 215 -28.14 -12.34 9.17
CA SER B 215 -28.88 -11.16 9.60
C SER B 215 -28.45 -10.80 11.02
N ALA B 216 -28.68 -9.55 11.38
CA ALA B 216 -28.40 -9.09 12.73
C ALA B 216 -29.45 -8.05 13.10
N SER B 217 -29.73 -7.96 14.40
CA SER B 217 -30.63 -6.94 14.91
C SER B 217 -30.08 -6.46 16.25
N ASP B 218 -30.89 -5.70 16.99
CA ASP B 218 -30.45 -5.20 18.29
C ASP B 218 -30.34 -6.32 19.30
N SER B 219 -31.13 -7.37 19.16
CA SER B 219 -31.20 -8.45 20.14
C SER B 219 -30.82 -9.81 19.57
N THR B 220 -30.58 -9.91 18.26
CA THR B 220 -30.43 -11.21 17.61
C THR B 220 -29.29 -11.19 16.59
N ILE B 221 -28.78 -12.38 16.31
CA ILE B 221 -27.82 -12.64 15.24
C ILE B 221 -28.19 -13.96 14.59
N SER B 222 -28.19 -14.00 13.25
CA SER B 222 -28.49 -15.21 12.50
C SER B 222 -27.34 -15.53 11.57
N VAL B 223 -26.96 -16.81 11.50
CA VAL B 223 -25.87 -17.27 10.66
C VAL B 223 -26.30 -18.53 9.93
N LYS B 224 -25.62 -18.80 8.82
CA LYS B 224 -25.88 -19.98 8.00
C LYS B 224 -24.55 -20.64 7.65
N TRP B 225 -24.64 -21.89 7.20
CA TRP B 225 -23.44 -22.62 6.77
C TRP B 225 -23.86 -23.71 5.80
N GLY B 226 -22.91 -24.12 4.96
CA GLY B 226 -23.17 -25.19 4.02
C GLY B 226 -22.94 -26.55 4.65
N HIS B 227 -23.78 -27.51 4.26
CA HIS B 227 -23.65 -28.86 4.78
C HIS B 227 -22.37 -29.51 4.26
N THR B 228 -21.72 -30.26 5.12
CA THR B 228 -20.45 -30.88 4.78
C THR B 228 -20.68 -32.14 3.92
N ASP B 232 -16.50 -37.17 3.83
CA ASP B 232 -17.77 -36.68 4.35
C ASP B 232 -18.64 -37.82 4.87
N GLU B 233 -18.09 -38.44 5.91
CA GLU B 233 -18.82 -39.43 6.69
C GLU B 233 -20.03 -38.77 7.34
N PRO B 234 -21.18 -39.47 7.41
CA PRO B 234 -22.43 -38.83 7.87
C PRO B 234 -22.29 -37.95 9.11
N VAL B 235 -22.65 -36.68 8.95
CA VAL B 235 -22.59 -35.72 10.04
C VAL B 235 -23.73 -36.01 11.01
N THR B 236 -23.40 -36.23 12.28
CA THR B 236 -24.41 -36.49 13.30
C THR B 236 -24.96 -35.24 13.95
N GLY B 237 -24.28 -34.10 13.81
CA GLY B 237 -24.78 -32.88 14.40
C GLY B 237 -23.77 -31.76 14.30
N TYR B 238 -24.19 -30.59 14.79
CA TYR B 238 -23.38 -29.38 14.78
C TYR B 238 -23.40 -28.73 16.15
N THR B 239 -22.33 -27.99 16.46
CA THR B 239 -22.26 -27.19 17.66
C THR B 239 -21.95 -25.75 17.27
N LEU B 240 -22.82 -24.82 17.65
CA LEU B 240 -22.59 -23.40 17.47
C LEU B 240 -22.01 -22.81 18.74
N HIS B 241 -20.92 -22.05 18.60
CA HIS B 241 -20.23 -21.43 19.72
C HIS B 241 -20.31 -19.90 19.57
N TYR B 242 -20.49 -19.21 20.70
CA TYR B 242 -20.55 -17.76 20.64
C TYR B 242 -20.13 -17.17 21.98
N ARG B 243 -19.79 -15.88 21.95
CA ARG B 243 -19.35 -15.16 23.14
C ARG B 243 -19.33 -13.66 22.83
N LYS B 244 -19.59 -12.86 23.87
CA LYS B 244 -19.30 -11.44 23.78
C LYS B 244 -17.79 -11.24 23.64
N LYS B 245 -17.42 -10.06 23.13
CA LYS B 245 -15.98 -9.76 23.03
C LYS B 245 -15.31 -9.79 24.40
N VAL B 246 -16.07 -9.50 25.46
CA VAL B 246 -15.62 -9.69 26.84
C VAL B 246 -16.62 -10.63 27.50
N GLY B 247 -16.32 -11.92 27.50
CA GLY B 247 -17.25 -12.90 28.02
C GLY B 247 -16.81 -14.30 27.67
N HIS B 248 -17.48 -15.26 28.29
CA HIS B 248 -17.14 -16.66 28.15
C HIS B 248 -17.83 -17.28 26.94
N TRP B 249 -17.24 -18.35 26.43
CA TRP B 249 -17.84 -19.10 25.34
C TRP B 249 -19.09 -19.83 25.83
N LEU B 250 -20.15 -19.76 25.03
CA LEU B 250 -21.34 -20.56 25.26
C LEU B 250 -21.59 -21.44 24.05
N HIS B 251 -22.25 -22.57 24.27
CA HIS B 251 -22.31 -23.66 23.30
C HIS B 251 -23.75 -24.09 23.09
N VAL B 252 -24.23 -23.97 21.85
CA VAL B 252 -25.57 -24.37 21.47
C VAL B 252 -25.47 -25.68 20.69
N PRO B 253 -25.89 -26.82 21.27
CA PRO B 253 -25.81 -28.09 20.52
C PRO B 253 -26.99 -28.24 19.58
N LEU B 254 -26.70 -28.61 18.34
CA LEU B 254 -27.70 -28.76 17.28
C LEU B 254 -27.74 -30.22 16.87
N LEU B 255 -28.58 -30.99 17.57
CA LEU B 255 -28.81 -32.39 17.22
C LEU B 255 -29.16 -32.57 15.75
N ALA B 256 -29.86 -31.60 15.17
CA ALA B 256 -30.34 -31.69 13.81
C ALA B 256 -29.18 -31.55 12.84
N SER B 257 -29.03 -32.53 11.95
CA SER B 257 -28.11 -32.39 10.83
C SER B 257 -28.77 -31.80 9.60
N ASP B 258 -30.11 -31.74 9.56
CA ASP B 258 -30.80 -30.96 8.54
C ASP B 258 -30.52 -29.48 8.73
N GLN B 259 -30.34 -29.07 10.00
CA GLN B 259 -29.89 -27.75 10.43
C GLN B 259 -28.76 -27.21 9.57
N THR B 260 -28.98 -26.03 8.98
CA THR B 260 -27.92 -25.22 8.41
C THR B 260 -28.07 -23.73 8.76
N ARG B 261 -28.96 -23.41 9.70
CA ARG B 261 -29.20 -22.04 10.13
C ARG B 261 -29.41 -22.01 11.63
N TYR B 262 -29.14 -20.85 12.22
CA TYR B 262 -29.48 -20.63 13.62
C TYR B 262 -29.54 -19.14 13.90
N THR B 263 -30.47 -18.75 14.76
CA THR B 263 -30.63 -17.36 15.19
C THR B 263 -30.42 -17.27 16.70
N LEU B 264 -29.37 -16.58 17.10
CA LEU B 264 -29.16 -16.27 18.51
C LEU B 264 -30.15 -15.19 18.95
N THR B 265 -30.71 -15.35 20.13
CA THR B 265 -31.67 -14.39 20.66
C THR B 265 -31.28 -13.97 22.06
N GLY B 266 -31.90 -12.89 22.52
CA GLY B 266 -31.63 -12.39 23.87
C GLY B 266 -30.28 -11.72 24.04
N LEU B 267 -29.71 -11.19 22.96
CA LEU B 267 -28.37 -10.62 23.03
C LEU B 267 -28.42 -9.17 23.53
N ASP B 268 -27.24 -8.63 23.79
CA ASP B 268 -27.09 -7.26 24.26
C ASP B 268 -26.92 -6.32 23.09
N SER B 269 -27.43 -5.10 23.24
CA SER B 269 -27.34 -4.11 22.19
C SER B 269 -25.92 -3.56 22.09
N ASP B 270 -25.55 -3.14 20.88
CA ASP B 270 -24.25 -2.53 20.61
C ASP B 270 -23.12 -3.36 21.23
N THR B 271 -23.14 -4.67 20.94
CA THR B 271 -22.17 -5.60 21.49
C THR B 271 -21.63 -6.48 20.37
N THR B 272 -20.31 -6.68 20.37
CA THR B 272 -19.67 -7.53 19.39
C THR B 272 -19.62 -8.97 19.90
N TYR B 273 -20.13 -9.90 19.10
CA TYR B 273 -20.10 -11.31 19.41
C TYR B 273 -19.20 -12.06 18.43
N ASN B 274 -18.50 -13.06 18.94
CA ASN B 274 -17.81 -14.02 18.08
C ASN B 274 -18.68 -15.24 17.89
N VAL B 275 -18.66 -15.80 16.68
CA VAL B 275 -19.46 -16.98 16.34
C VAL B 275 -18.63 -17.92 15.47
N TYR B 276 -18.65 -19.21 15.79
CA TYR B 276 -18.16 -20.21 14.87
C TYR B 276 -18.93 -21.50 15.09
N VAL B 277 -18.82 -22.41 14.12
CA VAL B 277 -19.57 -23.65 14.09
C VAL B 277 -18.61 -24.81 13.90
N THR B 278 -18.90 -25.92 14.56
CA THR B 278 -18.19 -27.17 14.33
C THR B 278 -19.18 -28.26 13.95
N ALA B 279 -18.73 -29.20 13.13
CA ALA B 279 -19.49 -30.39 12.80
C ALA B 279 -18.94 -31.58 13.56
N ASN B 280 -19.83 -32.50 13.93
CA ASN B 280 -19.47 -33.71 14.65
C ASN B 280 -19.94 -34.93 13.88
N ASN B 281 -19.16 -36.00 13.95
CA ASN B 281 -19.65 -37.31 13.55
C ASN B 281 -19.30 -38.32 14.63
N ARG B 282 -19.48 -39.62 14.35
CA ARG B 282 -19.28 -40.64 15.36
C ARG B 282 -17.88 -40.59 15.96
N TYR B 283 -16.91 -40.05 15.23
CA TYR B 283 -15.52 -40.04 15.69
C TYR B 283 -15.15 -38.78 16.47
N GLY B 284 -16.04 -37.79 16.55
CA GLY B 284 -15.80 -36.63 17.39
C GLY B 284 -16.01 -35.34 16.61
N ARG B 285 -15.44 -34.27 17.15
CA ARG B 285 -15.67 -32.92 16.64
C ARG B 285 -14.65 -32.56 15.57
N GLY B 286 -15.14 -32.05 14.44
CA GLY B 286 -14.27 -31.62 13.36
C GLY B 286 -13.75 -30.21 13.58
N ASP B 287 -12.79 -29.84 12.72
CA ASP B 287 -12.14 -28.55 12.83
C ASP B 287 -13.15 -27.41 12.69
N PRO B 288 -12.91 -26.28 13.34
CA PRO B 288 -13.91 -25.21 13.35
C PRO B 288 -13.92 -24.42 12.06
N SER B 289 -15.02 -23.70 11.87
CA SER B 289 -15.14 -22.74 10.79
C SER B 289 -14.23 -21.53 11.04
N GLY B 290 -14.29 -20.57 10.13
CA GLY B 290 -13.81 -19.25 10.46
C GLY B 290 -14.61 -18.65 11.59
N ILE B 291 -13.96 -17.79 12.37
CA ILE B 291 -14.62 -17.14 13.50
C ILE B 291 -15.12 -15.76 13.04
N LEU B 292 -16.41 -15.53 13.20
CA LEU B 292 -17.05 -14.29 12.78
C LEU B 292 -17.06 -13.28 13.90
N SER B 293 -17.00 -12.00 13.53
CA SER B 293 -17.15 -10.88 14.46
C SER B 293 -18.35 -10.06 14.00
N VAL B 294 -19.41 -10.04 14.80
CA VAL B 294 -20.68 -9.44 14.43
C VAL B 294 -21.14 -8.54 15.57
N ARG B 295 -21.47 -7.29 15.25
CA ARG B 295 -21.97 -6.34 16.23
C ARG B 295 -23.49 -6.25 16.14
N THR B 296 -24.17 -6.30 17.29
CA THR B 296 -25.61 -6.19 17.30
C THR B 296 -26.04 -4.76 16.97
N GLY B 297 -27.10 -4.65 16.17
CA GLY B 297 -27.44 -3.41 15.51
C GLY B 297 -28.91 -3.07 15.46
N ASP B 298 -29.39 -2.89 14.23
CA ASP B 298 -30.77 -2.51 13.90
C ASP B 298 -31.85 -3.43 14.47
NA NA C . -1.44 18.59 -29.22
NA NA D . 6.22 19.57 -26.99
NA NA E . -9.30 -32.67 11.42
#